data_9CBG
#
_entry.id   9CBG
#
_cell.length_a   81.072
_cell.length_b   81.072
_cell.length_c   240.318
_cell.angle_alpha   90.000
_cell.angle_beta   90.000
_cell.angle_gamma   120.000
#
_symmetry.space_group_name_H-M   'P 31 2 1'
#
loop_
_entity.id
_entity.type
_entity.pdbx_description
1 polymer 'Polyamine deacetylase HDAC10'
2 non-polymer 1,2-ETHANEDIOL
3 non-polymer 1-[3-(2-aminoethyl)phenyl]-2-sulfanylethan-1-one
4 non-polymer 'PHOSPHATE ION'
5 non-polymer 'ZINC ION'
6 non-polymer 'POTASSIUM ION'
7 water water
#
_entity_poly.entity_id   1
_entity_poly.type   'polypeptide(L)'
_entity_poly.pdbx_seq_one_letter_code
;AASGSALIFDEEMSRYKLLWTDPECEIEVPERLTVSYEALRTHGLAQRCKAVPVRQATEQEILLAHSEEYLEAVKQTPGM
NVEELMAFSKKYNAVYFHQNIYHCAKLAAGATLQLVDSVMKREVRNGMALVRPPGHHSQRSAANGFCVFNNVAFAALYAK
KNYNLNRILIVDWDVHHGQGIQYCFEEDPSVLYFSWHRYEHQSFWPNLPESDYSSVGKGKGSGFNINLPWNKVGMTNSDY
LAAFFHVLLPVAYEFDPELVIVSAGFDSAIGDPEGEMCALPEIFAHLTHLLMPLAAGKMCVVLEGGYNLTSLGQSVCQTV
HSLLGDPTPRISGLGTACDSALESIQNVRNVQSSYWSSFKHLAQSETNPKRPRLDATNGGPKESSEPASESNPKKTAQDI
VWPEPLKRMPASVRTVVVPPPGVELTLPKNCQHSGDISESTAKEVQRIRDKHFHDLTDQNILRSLGNIISVLDRMMRSDE
VCNGCVVVSDLSVSVQCALQHALTEPAERVLVVYVGDGELPVKTNDGKVFLVQICTKETEDKCVNRLTLCLREGESLTAG
FMQALLGLILPVAYEFNPALVLGIVEETAAKTRLMRVWGHMTCLIQGLARGRMLTLLQGYDKDLLELTVSALSGASISPL
GPLRAPKPEDVEMMEKQRQRLQERWGLLRCTVSESW
;
_entity_poly.pdbx_strand_id   A
#
# COMPACT_ATOMS: atom_id res chain seq x y z
N ALA A 1 4.10 11.80 18.88
CA ALA A 1 3.96 10.67 17.97
C ALA A 1 2.66 9.93 18.24
N ALA A 2 1.87 9.74 17.18
CA ALA A 2 0.59 9.06 17.32
C ALA A 2 0.77 7.55 17.19
N SER A 3 -0.17 6.81 17.79
CA SER A 3 -0.10 5.36 17.84
C SER A 3 -1.53 4.80 17.83
N GLY A 4 -1.66 3.61 17.28
CA GLY A 4 -2.93 2.92 17.26
C GLY A 4 -3.74 3.19 16.00
N SER A 5 -4.70 2.30 15.75
CA SER A 5 -5.58 2.39 14.59
C SER A 5 -7.02 2.58 15.05
N ALA A 6 -7.73 3.50 14.39
CA ALA A 6 -9.12 3.80 14.73
C ALA A 6 -10.07 2.96 13.90
N LEU A 7 -10.99 2.26 14.57
CA LEU A 7 -12.07 1.55 13.90
C LEU A 7 -13.37 2.23 14.28
N ILE A 8 -14.13 2.65 13.28
CA ILE A 8 -15.37 3.38 13.50
C ILE A 8 -16.50 2.60 12.83
N PHE A 9 -17.43 2.10 13.64
CA PHE A 9 -18.53 1.28 13.17
C PHE A 9 -19.74 1.51 14.05
N ASP A 10 -20.93 1.35 13.49
CA ASP A 10 -22.14 1.37 14.30
C ASP A 10 -23.19 0.46 13.68
N GLU A 11 -23.90 -0.29 14.54
CA GLU A 11 -24.92 -1.22 14.07
C GLU A 11 -26.11 -0.49 13.47
N GLU A 12 -26.27 0.81 13.73
CA GLU A 12 -27.40 1.55 13.19
C GLU A 12 -27.31 1.67 11.66
N MET A 13 -26.09 1.83 11.12
CA MET A 13 -25.97 1.87 9.66
C MET A 13 -26.33 0.56 9.00
N SER A 14 -26.53 -0.49 9.79
CA SER A 14 -27.02 -1.77 9.32
C SER A 14 -28.53 -1.86 9.36
N ARG A 15 -29.23 -0.75 9.60
CA ARG A 15 -30.67 -0.78 9.77
C ARG A 15 -31.39 -0.03 8.66
N TYR A 16 -31.09 -0.39 7.41
CA TYR A 16 -31.87 0.04 6.27
C TYR A 16 -31.66 -0.99 5.16
N LYS A 17 -32.70 -1.26 4.39
CA LYS A 17 -32.65 -2.29 3.39
C LYS A 17 -33.54 -1.91 2.22
N LEU A 18 -33.49 -2.72 1.17
CA LEU A 18 -34.35 -2.54 0.00
C LEU A 18 -35.71 -3.16 0.25
N LEU A 19 -36.77 -2.40 0.01
CA LEU A 19 -38.13 -2.79 0.37
C LEU A 19 -38.97 -3.22 -0.82
N TRP A 20 -38.37 -3.42 -1.99
CA TRP A 20 -39.11 -3.81 -3.18
C TRP A 20 -38.19 -4.62 -4.09
N THR A 21 -38.79 -5.24 -5.11
CA THR A 21 -38.02 -6.07 -6.04
C THR A 21 -37.18 -5.18 -6.96
N ASP A 22 -35.87 -5.40 -6.95
CA ASP A 22 -34.96 -4.67 -7.81
C ASP A 22 -33.66 -5.48 -7.97
N PRO A 23 -33.51 -6.23 -9.06
CA PRO A 23 -32.31 -7.07 -9.21
C PRO A 23 -31.03 -6.27 -9.32
N GLU A 24 -31.11 -4.98 -9.62
CA GLU A 24 -29.91 -4.15 -9.73
C GLU A 24 -29.34 -3.80 -8.36
N CYS A 25 -30.19 -3.58 -7.36
CA CYS A 25 -29.77 -3.17 -6.03
C CYS A 25 -29.81 -4.30 -5.01
N GLU A 26 -30.13 -5.53 -5.44
CA GLU A 26 -30.31 -6.63 -4.48
C GLU A 26 -29.02 -6.98 -3.74
N ILE A 27 -27.85 -6.59 -4.26
CA ILE A 27 -26.60 -6.99 -3.64
C ILE A 27 -26.27 -6.12 -2.43
N GLU A 28 -26.75 -4.88 -2.39
CA GLU A 28 -26.34 -3.92 -1.37
C GLU A 28 -27.19 -4.12 -0.13
N VAL A 29 -26.78 -5.04 0.73
CA VAL A 29 -27.58 -5.49 1.86
C VAL A 29 -26.94 -5.05 3.18
N PRO A 30 -27.70 -4.91 4.26
CA PRO A 30 -27.08 -4.54 5.55
C PRO A 30 -26.11 -5.58 6.08
N GLU A 31 -26.39 -6.87 5.84
CA GLU A 31 -25.53 -7.94 6.35
C GLU A 31 -24.05 -7.70 6.02
N ARG A 32 -23.76 -6.99 4.92
CA ARG A 32 -22.38 -6.65 4.60
C ARG A 32 -21.65 -6.14 5.83
N LEU A 33 -22.14 -5.02 6.40
CA LEU A 33 -21.51 -4.46 7.59
C LEU A 33 -21.29 -5.54 8.65
N THR A 34 -22.35 -6.28 8.96
CA THR A 34 -22.25 -7.33 9.97
C THR A 34 -21.09 -8.26 9.68
N VAL A 35 -21.09 -8.83 8.48
CA VAL A 35 -20.08 -9.82 8.13
C VAL A 35 -18.69 -9.26 8.36
N SER A 36 -18.50 -7.98 8.04
CA SER A 36 -17.19 -7.36 8.21
C SER A 36 -16.81 -7.31 9.67
N TYR A 37 -17.68 -6.71 10.51
CA TYR A 37 -17.29 -6.46 11.89
C TYR A 37 -17.01 -7.78 12.61
N GLU A 38 -17.93 -8.74 12.51
CA GLU A 38 -17.70 -10.04 13.12
C GLU A 38 -16.39 -10.65 12.66
N ALA A 39 -16.05 -10.48 11.39
CA ALA A 39 -14.76 -10.98 10.90
C ALA A 39 -13.62 -10.35 11.69
N LEU A 40 -13.63 -9.01 11.81
CA LEU A 40 -12.62 -8.33 12.59
C LEU A 40 -12.63 -8.77 14.05
N ARG A 41 -13.78 -9.23 14.54
CA ARG A 41 -13.81 -9.72 15.91
C ARG A 41 -13.21 -11.12 16.00
N THR A 42 -13.43 -11.96 14.98
CA THR A 42 -13.00 -13.35 15.07
C THR A 42 -11.50 -13.46 15.09
N HIS A 43 -10.81 -12.66 14.29
CA HIS A 43 -9.35 -12.67 14.25
C HIS A 43 -8.74 -11.69 15.25
N GLY A 44 -9.52 -11.23 16.21
CA GLY A 44 -9.04 -10.34 17.24
C GLY A 44 -8.47 -9.02 16.77
N LEU A 45 -9.07 -8.41 15.74
CA LEU A 45 -8.60 -7.13 15.22
C LEU A 45 -9.35 -5.93 15.76
N ALA A 46 -10.68 -6.01 15.82
CA ALA A 46 -11.47 -4.87 16.31
C ALA A 46 -11.10 -4.53 17.75
N GLN A 47 -10.72 -5.53 18.55
CA GLN A 47 -10.33 -5.29 19.92
C GLN A 47 -8.99 -4.57 20.04
N ARG A 48 -8.14 -4.65 19.01
CA ARG A 48 -6.85 -3.98 19.02
C ARG A 48 -6.91 -2.55 18.49
N CYS A 49 -8.09 -2.09 18.08
CA CYS A 49 -8.30 -0.75 17.56
C CYS A 49 -8.97 0.14 18.60
N LYS A 50 -8.77 1.45 18.45
CA LYS A 50 -9.48 2.45 19.25
C LYS A 50 -10.83 2.70 18.57
N ALA A 51 -11.92 2.35 19.26
CA ALA A 51 -13.27 2.46 18.71
C ALA A 51 -13.77 3.89 18.91
N VAL A 52 -13.80 4.66 17.84
CA VAL A 52 -14.31 6.03 17.89
C VAL A 52 -15.80 5.99 17.56
N PRO A 53 -16.66 6.66 18.35
CA PRO A 53 -18.10 6.60 18.10
C PRO A 53 -18.48 7.42 16.87
N VAL A 54 -19.50 6.92 16.15
CA VAL A 54 -20.01 7.67 15.00
C VAL A 54 -20.80 8.88 15.48
N ARG A 55 -20.99 9.83 14.57
CA ARG A 55 -21.82 11.00 14.80
C ARG A 55 -22.58 11.33 13.53
N GLN A 56 -23.52 12.26 13.63
CA GLN A 56 -24.19 12.80 12.46
C GLN A 56 -23.40 13.98 11.92
N ALA A 57 -23.12 13.96 10.62
CA ALA A 57 -22.55 15.12 9.96
C ALA A 57 -23.57 16.25 9.97
N THR A 58 -23.10 17.47 10.25
CA THR A 58 -24.01 18.59 10.34
C THR A 58 -24.48 19.02 8.95
N GLU A 59 -25.42 19.98 8.94
CA GLU A 59 -26.00 20.46 7.68
C GLU A 59 -24.95 21.13 6.80
N GLN A 60 -24.15 22.02 7.39
CA GLN A 60 -23.15 22.74 6.60
C GLN A 60 -22.05 21.80 6.11
N GLU A 61 -21.67 20.82 6.94
CA GLU A 61 -20.72 19.80 6.50
C GLU A 61 -21.25 19.05 5.29
N ILE A 62 -22.55 18.78 5.25
CA ILE A 62 -23.14 18.14 4.08
C ILE A 62 -23.14 19.10 2.89
N LEU A 63 -23.36 20.38 3.16
CA LEU A 63 -23.37 21.38 2.08
C LEU A 63 -21.98 21.64 1.51
N LEU A 64 -20.92 21.17 2.18
CA LEU A 64 -19.58 21.23 1.59
C LEU A 64 -19.53 20.59 0.21
N ALA A 65 -20.29 19.51 0.00
CA ALA A 65 -20.22 18.75 -1.23
C ALA A 65 -21.56 18.54 -1.91
N HIS A 66 -22.64 19.06 -1.35
CA HIS A 66 -23.96 18.90 -1.95
C HIS A 66 -24.71 20.23 -1.88
N SER A 67 -25.82 20.29 -2.61
CA SER A 67 -26.60 21.50 -2.75
C SER A 67 -27.77 21.53 -1.77
N GLU A 68 -28.31 22.72 -1.56
CA GLU A 68 -29.47 22.89 -0.68
C GLU A 68 -30.68 22.13 -1.23
N GLU A 69 -30.88 22.14 -2.55
CA GLU A 69 -32.05 21.51 -3.14
C GLU A 69 -32.03 19.99 -2.93
N TYR A 70 -30.89 19.36 -3.20
CA TYR A 70 -30.76 17.92 -3.03
C TYR A 70 -30.84 17.53 -1.54
N LEU A 71 -30.20 18.30 -0.66
CA LEU A 71 -30.27 18.00 0.76
C LEU A 71 -31.70 18.12 1.28
N GLU A 72 -32.42 19.17 0.87
CA GLU A 72 -33.81 19.31 1.28
C GLU A 72 -34.66 18.16 0.74
N ALA A 73 -34.43 17.76 -0.51
CA ALA A 73 -35.17 16.64 -1.08
C ALA A 73 -34.94 15.36 -0.27
N VAL A 74 -33.69 15.08 0.11
CA VAL A 74 -33.41 13.85 0.84
C VAL A 74 -33.97 13.93 2.26
N LYS A 75 -33.90 15.11 2.88
CA LYS A 75 -34.38 15.25 4.26
C LYS A 75 -35.87 14.93 4.38
N GLN A 76 -36.60 14.95 3.25
CA GLN A 76 -38.02 14.62 3.25
C GLN A 76 -38.30 13.12 3.15
N THR A 77 -37.29 12.30 2.88
CA THR A 77 -37.48 10.87 2.70
C THR A 77 -37.92 10.12 3.96
N PRO A 78 -37.49 10.49 5.18
CA PRO A 78 -37.93 9.72 6.36
C PRO A 78 -39.43 9.77 6.62
N GLY A 79 -40.17 10.63 5.92
CA GLY A 79 -41.61 10.71 6.07
C GLY A 79 -42.42 10.02 5.00
N MET A 80 -41.77 9.26 4.11
CA MET A 80 -42.44 8.66 2.96
C MET A 80 -42.81 7.21 3.25
N ASN A 81 -43.86 6.74 2.58
CA ASN A 81 -44.23 5.33 2.60
C ASN A 81 -43.48 4.60 1.49
N VAL A 82 -43.78 3.32 1.30
CA VAL A 82 -43.01 2.50 0.36
C VAL A 82 -43.28 2.93 -1.07
N GLU A 83 -44.53 3.27 -1.40
CA GLU A 83 -44.82 3.76 -2.75
C GLU A 83 -44.08 5.07 -3.03
N GLU A 84 -44.11 5.99 -2.06
CA GLU A 84 -43.41 7.26 -2.22
C GLU A 84 -41.89 7.06 -2.29
N LEU A 85 -41.36 6.16 -1.46
CA LEU A 85 -39.93 5.88 -1.50
C LEU A 85 -39.51 5.28 -2.85
N MET A 86 -40.32 4.39 -3.40
CA MET A 86 -40.00 3.79 -4.69
C MET A 86 -40.08 4.81 -5.82
N ALA A 87 -41.11 5.67 -5.79
CA ALA A 87 -41.20 6.75 -6.78
C ALA A 87 -40.01 7.70 -6.67
N PHE A 88 -39.56 7.98 -5.44
CA PHE A 88 -38.40 8.85 -5.27
C PHE A 88 -37.13 8.18 -5.80
N SER A 89 -36.96 6.90 -5.50
CA SER A 89 -35.77 6.18 -5.97
C SER A 89 -35.75 6.07 -7.49
N LYS A 90 -36.92 5.98 -8.13
CA LYS A 90 -36.98 5.88 -9.57
C LYS A 90 -36.41 7.11 -10.28
N LYS A 91 -36.21 8.21 -9.56
CA LYS A 91 -35.70 9.44 -10.17
C LYS A 91 -34.18 9.41 -10.38
N TYR A 92 -33.48 8.41 -9.84
CA TYR A 92 -32.04 8.29 -9.95
C TYR A 92 -31.71 6.91 -10.51
N ASN A 93 -30.43 6.70 -10.81
CA ASN A 93 -29.98 5.46 -11.44
C ASN A 93 -29.28 4.59 -10.41
N ALA A 94 -29.83 3.39 -10.19
CA ALA A 94 -29.21 2.34 -9.36
C ALA A 94 -29.10 2.74 -7.89
N VAL A 95 -30.23 3.16 -7.31
CA VAL A 95 -30.25 3.55 -5.90
C VAL A 95 -31.66 3.40 -5.36
N TYR A 96 -31.76 3.03 -4.09
CA TYR A 96 -33.04 2.88 -3.41
C TYR A 96 -32.98 3.62 -2.08
N PHE A 97 -34.15 4.07 -1.62
CA PHE A 97 -34.26 4.84 -0.40
C PHE A 97 -35.04 4.07 0.67
N HIS A 98 -34.87 4.51 1.91
CA HIS A 98 -35.45 3.87 3.06
C HIS A 98 -35.81 4.95 4.06
N GLN A 99 -36.64 4.64 5.05
CA GLN A 99 -37.03 5.64 6.07
C GLN A 99 -35.82 6.00 6.93
N ASN A 100 -34.87 5.08 7.09
CA ASN A 100 -33.70 5.32 7.92
C ASN A 100 -32.46 5.71 7.11
N ILE A 101 -32.56 5.75 5.77
CA ILE A 101 -31.36 5.88 4.95
C ILE A 101 -30.78 7.29 5.07
N TYR A 102 -31.61 8.31 5.31
CA TYR A 102 -31.07 9.64 5.52
C TYR A 102 -30.29 9.72 6.83
N HIS A 103 -30.87 9.16 7.90
CA HIS A 103 -30.16 9.00 9.17
C HIS A 103 -28.83 8.28 8.97
N CYS A 104 -28.86 7.13 8.27
CA CYS A 104 -27.64 6.35 8.10
C CYS A 104 -26.63 7.06 7.22
N ALA A 105 -27.07 7.87 6.26
CA ALA A 105 -26.14 8.62 5.43
C ALA A 105 -25.44 9.70 6.24
N LYS A 106 -26.20 10.40 7.09
CA LYS A 106 -25.58 11.32 8.04
C LYS A 106 -24.60 10.59 8.95
N LEU A 107 -24.91 9.34 9.32
CA LEU A 107 -23.99 8.60 10.18
C LEU A 107 -22.73 8.18 9.43
N ALA A 108 -22.86 7.77 8.17
CA ALA A 108 -21.70 7.38 7.38
C ALA A 108 -20.77 8.56 7.13
N ALA A 109 -21.36 9.71 6.75
CA ALA A 109 -20.57 10.92 6.61
C ALA A 109 -19.91 11.33 7.93
N GLY A 110 -20.68 11.30 9.03
CA GLY A 110 -20.11 11.68 10.32
C GLY A 110 -18.99 10.77 10.75
N ALA A 111 -19.13 9.46 10.50
CA ALA A 111 -18.07 8.52 10.84
C ALA A 111 -16.81 8.80 10.02
N THR A 112 -16.98 9.10 8.73
CA THR A 112 -15.84 9.53 7.92
C THR A 112 -15.14 10.74 8.54
N LEU A 113 -15.93 11.75 8.92
CA LEU A 113 -15.34 12.96 9.50
C LEU A 113 -14.69 12.69 10.85
N GLN A 114 -15.26 11.78 11.64
CA GLN A 114 -14.66 11.40 12.91
C GLN A 114 -13.31 10.73 12.69
N LEU A 115 -13.21 9.88 11.67
CA LEU A 115 -11.93 9.28 11.32
C LEU A 115 -10.92 10.36 10.92
N VAL A 116 -11.36 11.31 10.10
CA VAL A 116 -10.47 12.40 9.70
C VAL A 116 -9.96 13.15 10.92
N ASP A 117 -10.87 13.54 11.81
CA ASP A 117 -10.47 14.28 13.01
C ASP A 117 -9.51 13.45 13.87
N SER A 118 -9.77 12.16 14.01
CA SER A 118 -8.92 11.32 14.87
C SER A 118 -7.52 11.18 14.30
N VAL A 119 -7.41 11.04 12.98
CA VAL A 119 -6.10 10.88 12.35
C VAL A 119 -5.33 12.21 12.33
N MET A 120 -6.01 13.32 12.03
CA MET A 120 -5.29 14.58 11.90
C MET A 120 -4.92 15.17 13.25
N LYS A 121 -5.68 14.85 14.29
CA LYS A 121 -5.37 15.31 15.63
C LYS A 121 -4.31 14.46 16.33
N ARG A 122 -3.63 13.58 15.58
CA ARG A 122 -2.60 12.69 16.12
C ARG A 122 -3.12 11.83 17.27
N GLU A 123 -4.44 11.62 17.34
CA GLU A 123 -4.98 10.70 18.34
C GLU A 123 -4.72 9.26 17.94
N VAL A 124 -4.70 8.99 16.62
CA VAL A 124 -4.39 7.67 16.08
C VAL A 124 -3.52 7.86 14.84
N ARG A 125 -2.80 6.80 14.48
CA ARG A 125 -1.92 6.86 13.32
C ARG A 125 -2.70 6.73 12.01
N ASN A 126 -3.67 5.83 11.98
CA ASN A 126 -4.49 5.59 10.80
C ASN A 126 -5.84 5.07 11.26
N GLY A 127 -6.73 4.80 10.31
CA GLY A 127 -8.01 4.26 10.73
C GLY A 127 -8.88 3.80 9.58
N MET A 128 -9.95 3.10 9.94
CA MET A 128 -10.92 2.57 8.99
C MET A 128 -12.33 2.86 9.47
N ALA A 129 -13.19 3.22 8.53
CA ALA A 129 -14.60 3.50 8.80
C ALA A 129 -15.45 2.49 8.03
N LEU A 130 -16.09 1.58 8.77
CA LEU A 130 -17.05 0.63 8.21
C LEU A 130 -18.41 1.32 8.18
N VAL A 131 -18.74 1.91 7.03
CA VAL A 131 -19.93 2.72 6.88
C VAL A 131 -20.84 2.09 5.83
N ARG A 132 -22.04 2.66 5.74
CA ARG A 132 -23.12 2.27 4.85
C ARG A 132 -24.20 3.33 5.05
N PRO A 133 -24.64 4.03 4.00
CA PRO A 133 -24.41 3.82 2.56
C PRO A 133 -23.02 4.23 2.07
N PRO A 134 -22.60 3.69 0.92
CA PRO A 134 -21.36 4.15 0.29
C PRO A 134 -21.49 5.58 -0.24
N GLY A 135 -20.42 6.08 -0.85
CA GLY A 135 -20.41 7.48 -1.22
C GLY A 135 -19.82 7.83 -2.57
N HIS A 136 -18.90 7.03 -3.10
CA HIS A 136 -18.04 7.53 -4.18
C HIS A 136 -18.80 7.79 -5.48
N HIS A 137 -20.05 7.34 -5.60
CA HIS A 137 -20.84 7.59 -6.80
C HIS A 137 -21.74 8.82 -6.69
N SER A 138 -22.14 9.21 -5.48
CA SER A 138 -23.06 10.32 -5.34
C SER A 138 -22.42 11.63 -5.80
N GLN A 139 -23.27 12.56 -6.22
CA GLN A 139 -22.82 13.81 -6.83
C GLN A 139 -23.55 14.98 -6.17
N ARG A 140 -23.20 16.20 -6.61
CA ARG A 140 -23.60 17.39 -5.88
CA ARG A 140 -23.69 17.35 -5.85
C ARG A 140 -25.11 17.48 -5.71
N SER A 141 -25.88 17.09 -6.73
CA SER A 141 -27.33 17.15 -6.63
C SER A 141 -28.00 15.85 -7.06
N ALA A 142 -27.35 14.70 -6.83
CA ALA A 142 -27.95 13.45 -7.25
C ALA A 142 -27.37 12.29 -6.44
N ALA A 143 -28.25 11.33 -6.18
CA ALA A 143 -27.79 10.07 -5.55
C ALA A 143 -27.52 9.10 -6.68
N ASN A 144 -26.54 8.22 -6.52
CA ASN A 144 -26.17 7.30 -7.63
C ASN A 144 -25.40 6.12 -7.09
N GLY A 145 -25.63 4.93 -7.63
CA GLY A 145 -24.82 3.75 -7.25
C GLY A 145 -24.85 3.46 -5.78
N PHE A 146 -26.04 3.22 -5.24
CA PHE A 146 -26.18 2.84 -3.81
C PHE A 146 -25.63 3.94 -2.92
N CYS A 147 -25.33 5.11 -3.48
CA CYS A 147 -24.73 6.18 -2.68
C CYS A 147 -25.70 7.34 -2.52
N VAL A 148 -25.73 7.91 -1.33
CA VAL A 148 -26.59 9.06 -1.04
C VAL A 148 -25.70 10.30 -0.99
N PHE A 149 -24.75 10.31 -0.06
CA PHE A 149 -23.79 11.40 0.11
C PHE A 149 -22.39 10.85 -0.09
N ASN A 150 -21.50 11.72 -0.58
CA ASN A 150 -20.14 11.30 -0.93
C ASN A 150 -19.25 11.46 0.30
N ASN A 151 -19.01 10.35 0.98
CA ASN A 151 -18.28 10.36 2.25
C ASN A 151 -16.83 10.78 2.06
N VAL A 152 -16.17 10.29 1.00
CA VAL A 152 -14.74 10.56 0.83
C VAL A 152 -14.50 11.99 0.37
N ALA A 153 -15.35 12.51 -0.52
CA ALA A 153 -15.23 13.91 -0.90
C ALA A 153 -15.50 14.82 0.29
N PHE A 154 -16.45 14.44 1.14
CA PHE A 154 -16.63 15.10 2.43
C PHE A 154 -15.32 15.15 3.19
N ALA A 155 -14.66 13.99 3.31
CA ALA A 155 -13.42 13.91 4.09
C ALA A 155 -12.37 14.85 3.53
N ALA A 156 -12.19 14.86 2.21
CA ALA A 156 -11.18 15.72 1.61
C ALA A 156 -11.49 17.18 1.84
N LEU A 157 -12.72 17.61 1.55
CA LEU A 157 -13.08 19.01 1.73
C LEU A 157 -12.98 19.40 3.21
N TYR A 158 -13.33 18.49 4.10
CA TYR A 158 -13.26 18.74 5.54
C TYR A 158 -11.83 18.93 5.99
N ALA A 159 -10.93 18.04 5.56
CA ALA A 159 -9.52 18.20 5.88
C ALA A 159 -8.99 19.52 5.36
N LYS A 160 -9.34 19.87 4.12
CA LYS A 160 -8.89 21.15 3.56
C LYS A 160 -9.40 22.32 4.39
N LYS A 161 -10.66 22.29 4.79
CA LYS A 161 -11.24 23.45 5.46
C LYS A 161 -10.76 23.57 6.90
N ASN A 162 -10.54 22.44 7.58
CA ASN A 162 -10.29 22.47 9.01
C ASN A 162 -8.84 22.17 9.39
N TYR A 163 -7.97 21.92 8.42
CA TYR A 163 -6.56 21.73 8.73
C TYR A 163 -5.63 22.42 7.74
N ASN A 164 -6.19 23.15 6.77
CA ASN A 164 -5.42 23.93 5.79
C ASN A 164 -4.48 23.05 4.98
N LEU A 165 -4.89 21.81 4.71
CA LEU A 165 -4.09 20.93 3.89
C LEU A 165 -4.01 21.46 2.47
N ASN A 166 -2.86 21.26 1.83
CA ASN A 166 -2.67 21.65 0.44
C ASN A 166 -2.65 20.48 -0.54
N ARG A 167 -2.41 19.26 -0.06
CA ARG A 167 -2.28 18.11 -0.95
C ARG A 167 -2.89 16.89 -0.26
N ILE A 168 -3.90 16.29 -0.90
CA ILE A 168 -4.63 15.15 -0.36
C ILE A 168 -4.76 14.13 -1.48
N LEU A 169 -4.27 12.91 -1.23
CA LEU A 169 -4.37 11.84 -2.21
C LEU A 169 -5.63 11.03 -1.92
N ILE A 170 -6.39 10.70 -2.97
CA ILE A 170 -7.52 9.79 -2.87
C ILE A 170 -7.23 8.60 -3.76
N VAL A 171 -7.33 7.40 -3.19
CA VAL A 171 -7.09 6.15 -3.92
C VAL A 171 -8.39 5.35 -3.89
N ASP A 172 -8.96 5.10 -5.07
CA ASP A 172 -10.22 4.37 -5.21
C ASP A 172 -9.93 3.03 -5.89
N TRP A 173 -9.92 1.97 -5.06
CA TRP A 173 -9.70 0.61 -5.54
C TRP A 173 -10.99 -0.21 -5.61
N ASP A 174 -12.14 0.46 -5.58
CA ASP A 174 -13.41 -0.17 -5.96
C ASP A 174 -13.44 -0.40 -7.47
N VAL A 175 -14.09 -1.50 -7.92
CA VAL A 175 -14.13 -1.77 -9.36
C VAL A 175 -14.96 -0.76 -10.11
N HIS A 176 -15.67 0.07 -9.36
CA HIS A 176 -16.51 1.11 -9.99
C HIS A 176 -15.76 2.44 -9.93
N HIS A 177 -16.14 3.38 -10.80
CA HIS A 177 -15.42 4.67 -10.88
C HIS A 177 -16.12 5.70 -10.00
N GLY A 178 -15.35 6.35 -9.13
CA GLY A 178 -15.92 7.41 -8.29
C GLY A 178 -16.20 8.65 -9.11
N GLN A 179 -17.24 8.60 -9.93
CA GLN A 179 -17.58 9.74 -10.80
C GLN A 179 -17.78 10.99 -9.92
N GLY A 180 -18.41 10.83 -8.76
CA GLY A 180 -18.71 11.99 -7.91
C GLY A 180 -17.44 12.62 -7.38
N ILE A 181 -16.51 11.80 -6.92
CA ILE A 181 -15.21 12.34 -6.43
C ILE A 181 -14.53 13.06 -7.61
N GLN A 182 -14.43 12.40 -8.75
CA GLN A 182 -13.85 13.04 -9.96
C GLN A 182 -14.57 14.36 -10.20
N TYR A 183 -15.88 14.31 -10.39
CA TYR A 183 -16.64 15.55 -10.60
C TYR A 183 -16.29 16.59 -9.55
N CYS A 184 -16.22 16.19 -8.28
CA CYS A 184 -16.02 17.13 -7.19
C CYS A 184 -14.66 17.82 -7.29
N PHE A 185 -13.62 17.09 -7.69
CA PHE A 185 -12.27 17.64 -7.67
C PHE A 185 -11.62 17.71 -9.07
N GLU A 186 -12.42 17.72 -10.14
CA GLU A 186 -11.83 17.61 -11.48
C GLU A 186 -10.91 18.78 -11.79
N GLU A 187 -11.28 19.99 -11.38
CA GLU A 187 -10.44 21.18 -11.59
C GLU A 187 -9.74 21.61 -10.31
N ASP A 188 -9.59 20.72 -9.34
CA ASP A 188 -8.93 21.04 -8.08
C ASP A 188 -7.59 20.32 -8.01
N PRO A 189 -6.47 21.03 -8.15
CA PRO A 189 -5.15 20.39 -8.00
C PRO A 189 -4.79 20.06 -6.55
N SER A 190 -5.61 20.45 -5.57
CA SER A 190 -5.32 20.11 -4.19
C SER A 190 -5.49 18.62 -3.94
N VAL A 191 -6.51 18.02 -4.54
CA VAL A 191 -6.90 16.65 -4.25
C VAL A 191 -6.61 15.79 -5.47
N LEU A 192 -5.57 14.97 -5.39
CA LEU A 192 -5.19 14.09 -6.49
C LEU A 192 -6.00 12.81 -6.38
N TYR A 193 -6.88 12.59 -7.36
CA TYR A 193 -7.75 11.43 -7.38
C TYR A 193 -7.19 10.37 -8.32
N PHE A 194 -7.01 9.16 -7.82
CA PHE A 194 -6.69 7.98 -8.61
C PHE A 194 -7.81 6.97 -8.46
N SER A 195 -8.17 6.32 -9.55
CA SER A 195 -9.21 5.31 -9.52
C SER A 195 -8.89 4.25 -10.55
N TRP A 196 -8.98 2.97 -10.15
CA TRP A 196 -9.03 1.92 -11.17
C TRP A 196 -10.43 1.34 -11.19
N HIS A 197 -10.86 0.88 -12.36
CA HIS A 197 -12.26 0.46 -12.44
C HIS A 197 -12.50 -0.43 -13.65
N ARG A 198 -13.42 -1.38 -13.48
CA ARG A 198 -13.89 -2.19 -14.59
C ARG A 198 -14.66 -1.29 -15.56
N TYR A 199 -14.20 -1.26 -16.80
CA TYR A 199 -14.72 -0.35 -17.82
C TYR A 199 -15.29 -1.11 -19.01
N GLU A 200 -14.57 -2.12 -19.50
CA GLU A 200 -14.97 -2.91 -20.66
C GLU A 200 -15.40 -2.03 -21.83
N HIS A 201 -14.52 -1.10 -22.20
CA HIS A 201 -14.72 -0.21 -23.36
C HIS A 201 -16.05 0.52 -23.30
N GLN A 202 -16.40 0.97 -22.09
CA GLN A 202 -17.58 1.78 -21.73
C GLN A 202 -18.86 0.97 -21.63
N SER A 203 -18.80 -0.35 -21.77
CA SER A 203 -20.02 -1.16 -21.69
C SER A 203 -20.39 -1.53 -20.26
N PHE A 204 -19.64 -1.08 -19.26
CA PHE A 204 -19.92 -1.43 -17.87
C PHE A 204 -20.32 -0.20 -17.07
N TRP A 205 -21.18 -0.43 -16.07
CA TRP A 205 -21.76 0.66 -15.29
C TRP A 205 -20.65 1.46 -14.61
N PRO A 206 -20.74 2.81 -14.58
CA PRO A 206 -21.83 3.68 -15.09
C PRO A 206 -21.76 4.09 -16.58
N ASN A 207 -20.94 3.45 -17.41
CA ASN A 207 -20.98 3.65 -18.87
C ASN A 207 -20.67 5.10 -19.26
N LEU A 208 -19.64 5.67 -18.65
CA LEU A 208 -19.28 7.06 -18.88
C LEU A 208 -18.01 7.15 -19.72
N PRO A 209 -17.99 7.96 -20.79
CA PRO A 209 -16.73 8.12 -21.53
C PRO A 209 -15.66 8.84 -20.73
N GLU A 210 -16.04 9.70 -19.78
CA GLU A 210 -15.06 10.39 -18.94
C GLU A 210 -14.48 9.49 -17.86
N SER A 211 -14.91 8.23 -17.75
CA SER A 211 -14.26 7.25 -16.91
C SER A 211 -13.01 6.67 -17.56
N ASP A 212 -12.71 7.07 -18.79
CA ASP A 212 -11.58 6.58 -19.54
C ASP A 212 -10.29 7.27 -19.09
N TYR A 213 -9.16 6.75 -19.57
CA TYR A 213 -7.86 7.36 -19.29
C TYR A 213 -7.72 8.77 -19.86
N SER A 214 -8.61 9.19 -20.76
CA SER A 214 -8.49 10.51 -21.35
C SER A 214 -8.80 11.63 -20.36
N SER A 215 -9.58 11.36 -19.31
CA SER A 215 -9.90 12.36 -18.29
C SER A 215 -8.71 12.49 -17.35
N VAL A 216 -7.92 13.55 -17.54
CA VAL A 216 -6.77 13.84 -16.70
C VAL A 216 -7.04 15.02 -15.77
N GLY A 217 -8.25 15.54 -15.78
CA GLY A 217 -8.60 16.76 -15.10
C GLY A 217 -8.83 17.91 -16.07
N LYS A 218 -9.55 18.92 -15.58
CA LYS A 218 -9.91 20.08 -16.38
C LYS A 218 -9.31 21.33 -15.75
N GLY A 219 -8.84 22.24 -16.59
CA GLY A 219 -8.37 23.53 -16.09
C GLY A 219 -7.12 23.38 -15.23
N LYS A 220 -7.15 24.01 -14.06
CA LYS A 220 -6.00 24.00 -13.15
C LYS A 220 -5.74 22.63 -12.53
N GLY A 221 -6.68 21.70 -12.62
CA GLY A 221 -6.53 20.37 -12.06
C GLY A 221 -6.02 19.33 -13.03
N SER A 222 -5.56 19.74 -14.20
CA SER A 222 -5.15 18.81 -15.25
C SER A 222 -3.90 18.04 -14.80
N GLY A 223 -4.01 16.73 -14.70
CA GLY A 223 -2.97 15.88 -14.17
C GLY A 223 -3.26 15.34 -12.79
N PHE A 224 -4.29 15.83 -12.11
CA PHE A 224 -4.64 15.36 -10.78
C PHE A 224 -5.90 14.48 -10.79
N ASN A 225 -6.27 13.96 -11.96
CA ASN A 225 -7.30 12.93 -12.08
C ASN A 225 -6.74 11.81 -12.94
N ILE A 226 -6.66 10.60 -12.37
CA ILE A 226 -6.08 9.45 -13.05
C ILE A 226 -7.10 8.32 -13.05
N ASN A 227 -7.52 7.90 -14.26
CA ASN A 227 -8.44 6.80 -14.46
C ASN A 227 -7.71 5.65 -15.14
N LEU A 228 -7.71 4.48 -14.50
CA LEU A 228 -7.18 3.27 -15.11
C LEU A 228 -8.33 2.33 -15.42
N PRO A 229 -8.73 2.20 -16.68
CA PRO A 229 -9.82 1.29 -17.02
C PRO A 229 -9.33 -0.11 -17.32
N TRP A 230 -9.88 -1.09 -16.60
CA TRP A 230 -9.74 -2.48 -17.02
C TRP A 230 -10.77 -2.74 -18.11
N ASN A 231 -10.33 -3.24 -19.25
CA ASN A 231 -11.23 -3.57 -20.35
C ASN A 231 -11.40 -5.07 -20.51
N LYS A 232 -10.94 -5.86 -19.54
CA LYS A 232 -11.21 -7.29 -19.49
C LYS A 232 -11.36 -7.69 -18.03
N VAL A 233 -12.23 -8.68 -17.79
CA VAL A 233 -12.45 -9.16 -16.43
C VAL A 233 -11.32 -10.11 -16.06
N GLY A 234 -11.32 -10.56 -14.81
CA GLY A 234 -10.32 -11.51 -14.35
C GLY A 234 -8.96 -10.94 -14.07
N MET A 235 -8.85 -9.66 -13.73
CA MET A 235 -7.55 -9.09 -13.39
C MET A 235 -7.06 -9.69 -12.08
N THR A 236 -5.74 -9.90 -11.98
CA THR A 236 -5.15 -10.65 -10.89
C THR A 236 -4.26 -9.75 -10.03
N ASN A 237 -3.54 -10.39 -9.09
CA ASN A 237 -2.63 -9.65 -8.23
C ASN A 237 -1.52 -8.97 -9.02
N SER A 238 -1.07 -9.62 -10.10
CA SER A 238 -0.02 -9.02 -10.93
C SER A 238 -0.50 -7.73 -11.58
N ASP A 239 -1.74 -7.71 -12.08
CA ASP A 239 -2.25 -6.51 -12.71
C ASP A 239 -2.36 -5.37 -11.70
N TYR A 240 -2.88 -5.67 -10.51
CA TYR A 240 -3.04 -4.63 -9.48
C TYR A 240 -1.69 -4.09 -9.03
N LEU A 241 -0.72 -4.98 -8.78
CA LEU A 241 0.58 -4.51 -8.33
C LEU A 241 1.32 -3.76 -9.43
N ALA A 242 1.13 -4.14 -10.70
CA ALA A 242 1.74 -3.38 -11.79
C ALA A 242 1.13 -1.98 -11.89
N ALA A 243 -0.20 -1.90 -11.77
CA ALA A 243 -0.85 -0.60 -11.71
C ALA A 243 -0.28 0.28 -10.60
N PHE A 244 -0.07 -0.33 -9.42
CA PHE A 244 0.50 0.43 -8.31
C PHE A 244 1.93 0.89 -8.62
N PHE A 245 2.79 -0.04 -9.04
CA PHE A 245 4.21 0.26 -9.20
C PHE A 245 4.46 1.25 -10.34
N HIS A 246 3.78 1.07 -11.47
CA HIS A 246 4.11 1.89 -12.67
C HIS A 246 3.10 3.00 -12.96
N VAL A 247 2.13 3.24 -12.08
CA VAL A 247 1.21 4.40 -12.30
C VAL A 247 0.99 5.16 -10.99
N LEU A 248 0.31 4.56 -10.01
CA LEU A 248 -0.08 5.30 -8.79
C LEU A 248 1.12 5.65 -7.91
N LEU A 249 1.87 4.65 -7.49
CA LEU A 249 2.91 4.96 -6.50
C LEU A 249 3.88 6.05 -6.93
N PRO A 250 4.42 6.07 -8.16
CA PRO A 250 5.34 7.16 -8.52
C PRO A 250 4.70 8.53 -8.46
N VAL A 251 3.50 8.66 -9.02
CA VAL A 251 2.77 9.93 -8.99
C VAL A 251 2.46 10.32 -7.55
N ALA A 252 2.17 9.34 -6.69
CA ALA A 252 1.80 9.64 -5.31
C ALA A 252 3.00 10.09 -4.50
N TYR A 253 4.15 9.43 -4.68
CA TYR A 253 5.34 9.82 -3.94
C TYR A 253 5.91 11.13 -4.44
N GLU A 254 5.71 11.45 -5.73
CA GLU A 254 6.10 12.79 -6.19
C GLU A 254 5.13 13.85 -5.70
N PHE A 255 3.83 13.53 -5.68
CA PHE A 255 2.82 14.45 -5.16
C PHE A 255 3.07 14.78 -3.70
N ASP A 256 3.56 13.80 -2.93
CA ASP A 256 3.83 13.93 -1.50
C ASP A 256 2.57 14.39 -0.77
N PRO A 257 1.55 13.54 -0.67
CA PRO A 257 0.28 13.99 -0.07
C PRO A 257 0.40 14.14 1.44
N GLU A 258 -0.24 15.18 1.97
CA GLU A 258 -0.30 15.39 3.41
C GLU A 258 -1.34 14.50 4.08
N LEU A 259 -2.20 13.84 3.30
CA LEU A 259 -3.23 12.96 3.85
C LEU A 259 -3.70 12.02 2.74
N VAL A 260 -3.75 10.73 3.06
CA VAL A 260 -4.21 9.71 2.13
C VAL A 260 -5.59 9.24 2.57
N ILE A 261 -6.55 9.29 1.65
CA ILE A 261 -7.91 8.79 1.87
C ILE A 261 -8.16 7.71 0.84
N VAL A 262 -8.67 6.56 1.28
CA VAL A 262 -8.88 5.41 0.42
C VAL A 262 -10.36 5.08 0.37
N SER A 263 -10.90 4.96 -0.83
CA SER A 263 -12.23 4.40 -1.04
C SER A 263 -12.08 2.89 -1.07
N ALA A 264 -12.32 2.23 0.07
CA ALA A 264 -12.11 0.79 0.17
C ALA A 264 -13.36 0.06 -0.33
N GLY A 265 -13.41 -0.12 -1.65
CA GLY A 265 -14.38 -1.01 -2.23
C GLY A 265 -13.75 -2.34 -2.52
N PHE A 266 -14.21 -3.40 -1.86
CA PHE A 266 -13.62 -4.72 -2.02
C PHE A 266 -14.37 -5.59 -3.02
N ASP A 267 -15.20 -4.98 -3.87
CA ASP A 267 -15.73 -5.71 -5.03
C ASP A 267 -14.68 -5.94 -6.10
N SER A 268 -13.47 -5.45 -5.91
CA SER A 268 -12.33 -5.77 -6.76
C SER A 268 -11.64 -7.06 -6.36
N ALA A 269 -12.17 -7.76 -5.37
CA ALA A 269 -11.59 -8.99 -4.87
C ALA A 269 -12.22 -10.19 -5.56
N ILE A 270 -11.47 -11.29 -5.58
CA ILE A 270 -11.96 -12.51 -6.22
C ILE A 270 -13.23 -12.98 -5.53
N GLY A 271 -14.17 -13.48 -6.32
CA GLY A 271 -15.42 -14.00 -5.82
C GLY A 271 -16.59 -13.03 -5.87
N ASP A 272 -16.33 -11.74 -6.00
CA ASP A 272 -17.42 -10.76 -5.97
C ASP A 272 -18.28 -10.90 -7.22
N PRO A 273 -19.61 -10.94 -7.09
CA PRO A 273 -20.45 -11.12 -8.27
C PRO A 273 -20.48 -9.90 -9.18
N GLU A 274 -20.04 -8.75 -8.70
CA GLU A 274 -20.15 -7.52 -9.50
C GLU A 274 -18.85 -7.22 -10.25
N GLY A 275 -17.71 -7.31 -9.57
CA GLY A 275 -16.43 -6.99 -10.18
C GLY A 275 -15.89 -8.07 -11.08
N GLU A 276 -15.99 -9.33 -10.63
CA GLU A 276 -15.55 -10.50 -11.41
C GLU A 276 -14.06 -10.44 -11.71
N MET A 277 -13.27 -9.95 -10.75
CA MET A 277 -11.81 -9.96 -10.86
C MET A 277 -11.24 -11.15 -10.08
N CYS A 278 -9.94 -11.37 -10.22
CA CYS A 278 -9.28 -12.53 -9.63
C CYS A 278 -8.17 -12.16 -8.64
N ALA A 279 -8.34 -11.04 -7.93
CA ALA A 279 -7.34 -10.58 -6.96
C ALA A 279 -7.68 -11.08 -5.56
N LEU A 280 -6.71 -11.75 -4.93
CA LEU A 280 -6.92 -12.30 -3.61
C LEU A 280 -7.06 -11.19 -2.58
N PRO A 281 -7.78 -11.45 -1.47
CA PRO A 281 -7.92 -10.40 -0.45
C PRO A 281 -6.61 -10.00 0.19
N GLU A 282 -5.63 -10.93 0.25
CA GLU A 282 -4.31 -10.61 0.76
C GLU A 282 -3.69 -9.40 0.05
N ILE A 283 -3.99 -9.20 -1.24
CA ILE A 283 -3.40 -8.10 -1.98
C ILE A 283 -3.72 -6.77 -1.30
N PHE A 284 -4.87 -6.69 -0.61
CA PHE A 284 -5.27 -5.44 0.01
C PHE A 284 -4.39 -5.08 1.22
N ALA A 285 -3.69 -6.07 1.79
CA ALA A 285 -2.63 -5.73 2.72
C ALA A 285 -1.55 -4.90 2.04
N HIS A 286 -1.06 -5.38 0.89
CA HIS A 286 0.05 -4.71 0.23
C HIS A 286 -0.38 -3.39 -0.36
N LEU A 287 -1.54 -3.35 -1.00
CA LEU A 287 -2.15 -2.07 -1.39
C LEU A 287 -2.10 -1.08 -0.24
N THR A 288 -2.37 -1.55 0.99
CA THR A 288 -2.30 -0.67 2.14
C THR A 288 -0.84 -0.40 2.51
N HIS A 289 -0.02 -1.46 2.56
CA HIS A 289 1.34 -1.32 3.03
C HIS A 289 2.16 -0.40 2.13
N LEU A 290 2.00 -0.54 0.81
CA LEU A 290 2.73 0.30 -0.13
C LEU A 290 2.32 1.77 0.00
N LEU A 291 1.16 2.06 0.60
CA LEU A 291 0.74 3.44 0.78
C LEU A 291 1.17 4.03 2.11
N MET A 292 1.74 3.22 3.01
CA MET A 292 2.03 3.69 4.37
C MET A 292 3.01 4.87 4.42
N PRO A 293 4.16 4.85 3.75
CA PRO A 293 5.12 5.97 3.90
C PRO A 293 4.59 7.32 3.45
N LEU A 294 3.41 7.38 2.82
CA LEU A 294 2.82 8.63 2.41
C LEU A 294 2.14 9.31 3.59
N ALA A 295 2.22 10.64 3.62
CA ALA A 295 1.56 11.47 4.65
C ALA A 295 1.93 11.06 6.07
N ALA A 296 3.15 10.53 6.25
CA ALA A 296 3.60 10.02 7.55
C ALA A 296 2.64 8.99 8.12
N GLY A 297 2.12 8.11 7.25
CA GLY A 297 1.27 7.04 7.68
C GLY A 297 -0.18 7.41 7.95
N LYS A 298 -0.55 8.67 7.75
CA LYS A 298 -1.91 9.16 8.01
C LYS A 298 -2.84 8.66 6.91
N MET A 299 -3.55 7.55 7.18
CA MET A 299 -4.41 6.91 6.20
C MET A 299 -5.82 6.78 6.75
N CYS A 300 -6.81 7.14 5.93
CA CYS A 300 -8.23 7.12 6.27
C CYS A 300 -8.95 6.17 5.30
N VAL A 301 -8.93 4.88 5.63
CA VAL A 301 -9.59 3.87 4.82
C VAL A 301 -11.08 3.91 5.10
N VAL A 302 -11.88 4.16 4.06
CA VAL A 302 -13.33 4.27 4.17
C VAL A 302 -13.97 3.18 3.31
N LEU A 303 -15.03 2.56 3.81
CA LEU A 303 -15.67 1.44 3.08
C LEU A 303 -16.53 1.96 1.92
N GLU A 304 -16.49 1.26 0.78
CA GLU A 304 -17.35 1.64 -0.36
C GLU A 304 -18.10 0.38 -0.81
N GLY A 305 -17.50 -0.43 -1.68
CA GLY A 305 -18.20 -1.60 -2.23
C GLY A 305 -17.70 -2.92 -1.70
N GLY A 306 -18.19 -4.02 -2.26
CA GLY A 306 -17.88 -5.35 -1.77
C GLY A 306 -19.10 -6.15 -1.37
N TYR A 307 -19.46 -7.17 -2.18
CA TYR A 307 -20.75 -7.82 -2.02
C TYR A 307 -20.70 -9.34 -1.94
N ASN A 308 -19.52 -9.94 -1.94
CA ASN A 308 -19.38 -11.36 -1.61
C ASN A 308 -19.23 -11.46 -0.09
N LEU A 309 -20.30 -11.89 0.59
CA LEU A 309 -20.38 -11.95 2.06
C LEU A 309 -19.56 -13.07 2.65
N THR A 310 -18.78 -13.78 1.84
CA THR A 310 -17.89 -14.81 2.34
C THR A 310 -16.42 -14.51 2.00
N SER A 311 -16.14 -13.30 1.50
CA SER A 311 -14.79 -12.81 1.22
C SER A 311 -14.58 -11.34 1.54
N LEU A 312 -15.66 -10.56 1.67
CA LEU A 312 -15.58 -9.21 2.22
C LEU A 312 -14.86 -9.20 3.55
N GLY A 313 -15.18 -10.16 4.42
CA GLY A 313 -14.52 -10.24 5.71
C GLY A 313 -13.03 -10.45 5.57
N GLN A 314 -12.62 -11.33 4.63
CA GLN A 314 -11.20 -11.57 4.43
C GLN A 314 -10.48 -10.31 3.96
N SER A 315 -11.10 -9.58 3.03
CA SER A 315 -10.45 -8.38 2.52
C SER A 315 -10.35 -7.29 3.58
N VAL A 316 -11.43 -7.09 4.36
CA VAL A 316 -11.40 -6.09 5.42
C VAL A 316 -10.37 -6.47 6.49
N CYS A 317 -10.30 -7.76 6.81
CA CYS A 317 -9.32 -8.22 7.80
C CYS A 317 -7.90 -8.02 7.31
N GLN A 318 -7.66 -8.21 6.00
CA GLN A 318 -6.31 -7.96 5.48
C GLN A 318 -5.96 -6.49 5.55
N THR A 319 -6.91 -5.62 5.18
CA THR A 319 -6.68 -4.18 5.31
C THR A 319 -6.37 -3.78 6.75
N VAL A 320 -7.10 -4.35 7.71
CA VAL A 320 -6.87 -3.97 9.11
C VAL A 320 -5.56 -4.56 9.63
N HIS A 321 -5.27 -5.81 9.28
CA HIS A 321 -3.97 -6.42 9.57
C HIS A 321 -2.83 -5.51 9.13
N SER A 322 -2.92 -4.99 7.90
CA SER A 322 -1.86 -4.09 7.43
C SER A 322 -1.86 -2.78 8.20
N LEU A 323 -3.05 -2.24 8.51
CA LEU A 323 -3.11 -0.96 9.23
C LEU A 323 -2.51 -1.05 10.63
N LEU A 324 -2.58 -2.22 11.26
CA LEU A 324 -2.02 -2.39 12.61
C LEU A 324 -0.54 -2.70 12.61
N GLY A 325 0.08 -2.81 11.43
CA GLY A 325 1.49 -3.12 11.34
C GLY A 325 1.85 -4.59 11.35
N ASP A 326 0.87 -5.48 11.29
CA ASP A 326 1.16 -6.90 11.27
C ASP A 326 1.87 -7.27 9.96
N PRO A 327 2.67 -8.34 9.98
CA PRO A 327 3.41 -8.71 8.77
C PRO A 327 2.48 -9.10 7.63
N THR A 328 2.77 -8.56 6.44
CA THR A 328 1.99 -8.84 5.26
C THR A 328 2.29 -10.25 4.73
N PRO A 329 1.29 -10.96 4.23
CA PRO A 329 1.53 -12.33 3.75
C PRO A 329 2.29 -12.32 2.44
N ARG A 330 3.05 -13.40 2.21
CA ARG A 330 3.86 -13.50 1.00
C ARG A 330 2.97 -13.75 -0.21
N ILE A 331 3.08 -12.88 -1.21
CA ILE A 331 2.32 -13.04 -2.45
C ILE A 331 3.17 -13.83 -3.44
N SER A 332 2.69 -15.00 -3.82
CA SER A 332 3.39 -15.88 -4.74
C SER A 332 2.71 -15.83 -6.11
N GLY A 333 3.34 -16.47 -7.09
CA GLY A 333 2.73 -16.67 -8.39
C GLY A 333 2.63 -15.41 -9.24
N LEU A 334 3.30 -14.36 -8.79
CA LEU A 334 3.26 -13.10 -9.51
C LEU A 334 4.08 -13.19 -10.79
N GLY A 335 3.70 -12.35 -11.76
CA GLY A 335 4.39 -12.29 -13.03
C GLY A 335 4.04 -11.04 -13.80
N THR A 336 3.94 -11.14 -15.12
CA THR A 336 3.61 -10.00 -15.96
C THR A 336 2.10 -9.74 -15.95
N ALA A 337 1.74 -8.48 -16.12
CA ALA A 337 0.35 -8.13 -16.30
C ALA A 337 -0.12 -8.56 -17.69
N CYS A 338 -1.43 -8.76 -17.82
CA CYS A 338 -2.00 -9.20 -19.08
C CYS A 338 -1.97 -8.07 -20.11
N ASP A 339 -2.15 -8.45 -21.38
CA ASP A 339 -2.02 -7.48 -22.47
C ASP A 339 -3.00 -6.32 -22.32
N SER A 340 -4.23 -6.62 -21.90
CA SER A 340 -5.21 -5.54 -21.72
C SER A 340 -4.77 -4.57 -20.63
N ALA A 341 -4.28 -5.11 -19.51
CA ALA A 341 -3.78 -4.25 -18.44
C ALA A 341 -2.58 -3.44 -18.90
N LEU A 342 -1.68 -4.06 -19.67
CA LEU A 342 -0.51 -3.35 -20.17
C LEU A 342 -0.92 -2.22 -21.10
N GLU A 343 -1.95 -2.45 -21.93
CA GLU A 343 -2.46 -1.40 -22.81
C GLU A 343 -3.06 -0.25 -21.98
N SER A 344 -3.85 -0.58 -20.96
CA SER A 344 -4.42 0.47 -20.10
C SER A 344 -3.33 1.27 -19.41
N ILE A 345 -2.32 0.58 -18.89
CA ILE A 345 -1.23 1.24 -18.16
C ILE A 345 -0.43 2.13 -19.10
N GLN A 346 -0.07 1.63 -20.29
CA GLN A 346 0.69 2.46 -21.21
C GLN A 346 -0.12 3.64 -21.72
N ASN A 347 -1.43 3.47 -21.89
CA ASN A 347 -2.23 4.60 -22.37
C ASN A 347 -2.34 5.68 -21.32
N VAL A 348 -2.58 5.30 -20.06
CA VAL A 348 -2.66 6.31 -19.01
C VAL A 348 -1.29 6.96 -18.78
N ARG A 349 -0.22 6.16 -18.84
CA ARG A 349 1.12 6.75 -18.70
C ARG A 349 1.40 7.75 -19.80
N ASN A 350 1.09 7.41 -21.05
CA ASN A 350 1.32 8.35 -22.14
C ASN A 350 0.53 9.63 -21.94
N VAL A 351 -0.79 9.53 -21.75
CA VAL A 351 -1.60 10.73 -21.62
C VAL A 351 -1.17 11.57 -20.42
N GLN A 352 -0.69 10.93 -19.35
CA GLN A 352 -0.27 11.65 -18.16
C GLN A 352 1.17 12.15 -18.23
N SER A 353 1.94 11.74 -19.24
CA SER A 353 3.36 12.09 -19.30
C SER A 353 3.60 13.60 -19.43
N SER A 354 2.63 14.33 -19.98
CA SER A 354 2.77 15.79 -20.06
C SER A 354 2.63 16.48 -18.72
N TYR A 355 2.24 15.75 -17.67
CA TYR A 355 2.08 16.29 -16.33
C TYR A 355 2.98 15.64 -15.29
N TRP A 356 3.37 14.39 -15.50
CA TRP A 356 4.33 13.71 -14.62
C TRP A 356 5.45 13.18 -15.49
N SER A 357 6.63 13.80 -15.37
CA SER A 357 7.72 13.56 -16.32
C SER A 357 8.21 12.12 -16.32
N SER A 358 8.04 11.40 -15.22
CA SER A 358 8.51 10.02 -15.14
C SER A 358 7.81 9.09 -16.13
N PHE A 359 6.77 9.57 -16.82
CA PHE A 359 6.01 8.75 -17.76
C PHE A 359 6.42 8.96 -19.22
N LYS A 360 7.34 9.89 -19.49
CA LYS A 360 7.79 10.13 -20.86
C LYS A 360 8.53 8.90 -21.39
N HIS A 361 8.68 8.84 -22.71
CA HIS A 361 9.41 7.76 -23.35
C HIS A 361 10.10 8.30 -24.59
N LEU A 362 11.18 7.62 -24.97
CA LEU A 362 11.91 7.98 -26.18
C LEU A 362 11.20 7.38 -27.39
N ALA A 363 11.06 8.20 -28.44
CA ALA A 363 10.34 7.80 -29.65
C ALA A 363 11.02 6.61 -30.34
N VAL A 413 7.46 -8.46 20.68
CA VAL A 413 8.72 -7.97 20.15
C VAL A 413 8.91 -8.38 18.69
N ARG A 414 9.19 -7.40 17.82
CA ARG A 414 9.41 -7.66 16.41
C ARG A 414 10.82 -7.36 15.93
N THR A 415 11.53 -6.42 16.57
CA THR A 415 12.86 -6.01 16.15
C THR A 415 13.87 -6.35 17.23
N VAL A 416 15.03 -6.85 16.81
CA VAL A 416 16.15 -7.14 17.70
C VAL A 416 17.33 -6.29 17.24
N VAL A 417 18.01 -5.67 18.20
CA VAL A 417 19.09 -4.72 17.93
C VAL A 417 20.36 -5.21 18.59
N VAL A 418 21.41 -5.34 17.80
CA VAL A 418 22.74 -5.77 18.33
C VAL A 418 23.73 -4.65 18.04
N PRO A 419 23.86 -3.64 18.93
CA PRO A 419 24.72 -2.51 18.66
C PRO A 419 26.17 -2.78 18.98
N PRO A 420 27.10 -1.91 18.52
CA PRO A 420 28.51 -2.10 18.77
C PRO A 420 28.77 -2.45 20.22
N PRO A 421 29.59 -3.48 20.50
CA PRO A 421 29.83 -3.90 21.87
C PRO A 421 30.27 -2.72 22.70
N GLY A 422 29.47 -2.38 23.71
CA GLY A 422 29.86 -1.28 24.62
C GLY A 422 29.06 -0.02 24.35
N VAL A 423 28.03 -0.10 23.52
CA VAL A 423 27.16 1.09 23.29
C VAL A 423 25.88 0.91 24.12
N GLU A 424 25.02 1.92 24.12
CA GLU A 424 23.71 1.80 24.83
C GLU A 424 22.75 2.84 24.24
N LEU A 425 21.63 2.38 23.65
CA LEU A 425 20.66 3.31 23.02
C LEU A 425 19.25 3.04 23.55
N THR A 426 18.35 4.00 23.34
CA THR A 426 16.95 3.85 23.80
C THR A 426 16.14 3.18 22.72
N LEU A 427 16.07 1.86 22.74
CA LEU A 427 15.35 1.10 21.69
C LEU A 427 13.85 1.34 21.81
N PRO A 428 13.09 1.45 20.70
CA PRO A 428 11.64 1.59 20.78
C PRO A 428 10.98 0.55 21.66
N LYS A 429 9.74 0.83 22.09
CA LYS A 429 9.07 -0.03 23.06
C LYS A 429 9.00 -1.48 22.59
N ASN A 430 9.03 -1.72 21.28
CA ASN A 430 8.95 -3.06 20.71
C ASN A 430 10.28 -3.51 20.12
N CYS A 431 11.39 -3.18 20.80
CA CYS A 431 12.72 -3.60 20.38
C CYS A 431 13.52 -4.02 21.60
N GLN A 432 14.30 -5.08 21.46
CA GLN A 432 15.18 -5.56 22.51
C GLN A 432 16.55 -5.86 21.93
N HIS A 433 17.49 -6.13 22.82
CA HIS A 433 18.83 -6.52 22.38
C HIS A 433 18.90 -8.03 22.17
N SER A 434 20.05 -8.49 21.69
CA SER A 434 20.33 -9.91 21.63
C SER A 434 20.45 -10.47 23.04
N GLY A 435 19.84 -11.64 23.26
CA GLY A 435 19.93 -12.30 24.55
C GLY A 435 21.24 -13.06 24.71
N ASP A 436 22.35 -12.36 24.54
CA ASP A 436 23.71 -12.93 24.59
C ASP A 436 23.79 -13.99 23.48
N ILE A 437 24.40 -15.14 23.74
CA ILE A 437 24.49 -16.21 22.75
C ILE A 437 24.10 -17.52 23.42
N SER A 438 24.31 -18.64 22.72
CA SER A 438 23.98 -19.96 23.25
C SER A 438 25.13 -20.92 22.98
N GLU A 439 25.05 -22.09 23.61
CA GLU A 439 26.09 -23.10 23.43
C GLU A 439 26.11 -23.61 21.99
N SER A 440 24.93 -23.89 21.42
CA SER A 440 24.86 -24.34 20.04
C SER A 440 25.32 -23.25 19.08
N THR A 441 24.98 -21.98 19.37
CA THR A 441 25.41 -20.88 18.52
C THR A 441 26.93 -20.78 18.49
N ALA A 442 27.57 -20.89 19.65
CA ALA A 442 29.03 -20.84 19.72
C ALA A 442 29.67 -22.05 19.05
N LYS A 443 29.05 -23.23 19.18
CA LYS A 443 29.57 -24.41 18.50
C LYS A 443 29.51 -24.23 16.98
N GLU A 444 28.39 -23.71 16.47
CA GLU A 444 28.30 -23.48 15.02
C GLU A 444 29.29 -22.41 14.57
N VAL A 445 29.52 -21.40 15.42
CA VAL A 445 30.49 -20.36 15.10
C VAL A 445 31.89 -20.95 15.02
N GLN A 446 32.26 -21.78 16.00
CA GLN A 446 33.58 -22.42 15.96
C GLN A 446 33.71 -23.35 14.76
N ARG A 447 32.62 -24.03 14.39
CA ARG A 447 32.66 -24.90 13.21
C ARG A 447 32.87 -24.09 11.94
N ILE A 448 32.10 -23.02 11.76
CA ILE A 448 32.23 -22.20 10.56
C ILE A 448 33.61 -21.57 10.49
N ARG A 449 34.18 -21.21 11.65
CA ARG A 449 35.52 -20.63 11.68
C ARG A 449 36.56 -21.65 11.27
N ASP A 450 36.62 -22.78 11.97
CA ASP A 450 37.67 -23.77 11.70
C ASP A 450 37.53 -24.37 10.30
N LYS A 451 36.32 -24.38 9.74
CA LYS A 451 36.11 -25.04 8.46
C LYS A 451 36.34 -24.14 7.26
N HIS A 452 36.08 -22.83 7.39
CA HIS A 452 36.06 -21.95 6.22
C HIS A 452 37.14 -20.89 6.38
N PHE A 453 36.79 -19.70 6.87
CA PHE A 453 37.74 -18.58 6.87
C PHE A 453 38.97 -18.91 7.70
N HIS A 454 38.77 -19.34 8.95
CA HIS A 454 39.87 -19.64 9.87
C HIS A 454 40.79 -18.43 10.01
N ASP A 455 41.95 -18.62 10.64
CA ASP A 455 42.92 -17.54 10.87
C ASP A 455 42.24 -16.29 11.42
N LEU A 456 41.20 -16.47 12.22
CA LEU A 456 40.40 -15.37 12.76
C LEU A 456 40.27 -15.57 14.27
N THR A 457 40.80 -14.64 15.04
CA THR A 457 40.77 -14.72 16.50
C THR A 457 40.14 -13.51 17.17
N ASP A 458 39.75 -12.48 16.40
CA ASP A 458 39.10 -11.32 16.97
C ASP A 458 37.74 -11.70 17.55
N GLN A 459 37.61 -11.63 18.88
CA GLN A 459 36.36 -12.02 19.53
C GLN A 459 35.20 -11.13 19.13
N ASN A 460 35.46 -9.92 18.64
CA ASN A 460 34.38 -9.01 18.25
C ASN A 460 33.68 -9.50 16.98
N ILE A 461 34.46 -9.86 15.95
CA ILE A 461 33.86 -10.36 14.72
C ILE A 461 33.16 -11.68 14.96
N LEU A 462 33.75 -12.54 15.79
CA LEU A 462 33.11 -13.82 16.10
C LEU A 462 31.82 -13.63 16.88
N ARG A 463 31.81 -12.67 17.82
CA ARG A 463 30.57 -12.36 18.54
C ARG A 463 29.52 -11.81 17.59
N SER A 464 29.94 -10.97 16.62
CA SER A 464 29.00 -10.47 15.64
C SER A 464 28.39 -11.61 14.83
N LEU A 465 29.21 -12.59 14.43
CA LEU A 465 28.69 -13.73 13.69
C LEU A 465 27.73 -14.56 14.53
N GLY A 466 28.05 -14.77 15.81
CA GLY A 466 27.15 -15.49 16.67
C GLY A 466 25.82 -14.78 16.87
N ASN A 467 25.86 -13.45 16.98
CA ASN A 467 24.63 -12.67 17.07
C ASN A 467 23.82 -12.77 15.78
N ILE A 468 24.49 -12.77 14.63
CA ILE A 468 23.79 -12.92 13.36
C ILE A 468 23.07 -14.26 13.30
N ILE A 469 23.77 -15.33 13.72
CA ILE A 469 23.16 -16.65 13.76
C ILE A 469 21.95 -16.66 14.69
N SER A 470 22.09 -16.08 15.88
CA SER A 470 20.99 -16.04 16.84
C SER A 470 19.79 -15.27 16.30
N VAL A 471 20.04 -14.13 15.64
CA VAL A 471 18.96 -13.34 15.08
C VAL A 471 18.27 -14.09 13.95
N LEU A 472 19.03 -14.81 13.13
CA LEU A 472 18.41 -15.60 12.07
C LEU A 472 17.52 -16.69 12.67
N ASP A 473 18.04 -17.42 13.66
CA ASP A 473 17.26 -18.47 14.29
C ASP A 473 16.01 -17.93 14.97
N ARG A 474 16.08 -16.72 15.52
CA ARG A 474 14.90 -16.12 16.15
C ARG A 474 13.96 -15.46 15.15
N MET A 475 14.43 -15.14 13.94
CA MET A 475 13.54 -14.56 12.94
C MET A 475 12.78 -15.63 12.18
N MET A 476 13.51 -16.62 11.66
CA MET A 476 12.91 -17.65 10.80
C MET A 476 12.33 -18.80 11.63
N ARG A 477 13.18 -19.46 12.41
CA ARG A 477 12.78 -20.64 13.19
C ARG A 477 12.04 -20.28 14.47
N SER A 478 11.25 -19.22 14.45
CA SER A 478 10.42 -18.85 15.59
C SER A 478 9.44 -17.77 15.15
N ASP A 479 8.30 -17.72 15.84
CA ASP A 479 7.28 -16.71 15.61
C ASP A 479 7.45 -15.48 16.48
N GLU A 480 8.65 -15.26 17.03
CA GLU A 480 8.90 -14.14 17.93
C GLU A 480 9.38 -12.91 17.15
N VAL A 481 10.71 -12.77 17.04
CA VAL A 481 11.27 -11.63 16.33
C VAL A 481 10.88 -11.69 14.86
N CYS A 482 10.54 -10.53 14.30
CA CYS A 482 10.18 -10.43 12.89
C CYS A 482 11.38 -10.02 12.03
N ASN A 483 12.04 -8.92 12.39
CA ASN A 483 13.21 -8.43 11.68
C ASN A 483 14.31 -8.10 12.70
N GLY A 484 15.46 -7.66 12.19
CA GLY A 484 16.57 -7.36 13.08
C GLY A 484 17.67 -6.60 12.38
N CYS A 485 18.54 -6.00 13.18
CA CYS A 485 19.68 -5.23 12.69
C CYS A 485 20.90 -5.56 13.53
N VAL A 486 22.06 -5.67 12.87
CA VAL A 486 23.32 -5.98 13.51
C VAL A 486 24.42 -5.13 12.90
N VAL A 487 25.30 -4.59 13.73
CA VAL A 487 26.50 -3.90 13.28
C VAL A 487 27.65 -4.89 13.26
N VAL A 488 28.27 -5.06 12.10
CA VAL A 488 29.32 -6.04 11.91
C VAL A 488 30.64 -5.32 11.63
N SER A 489 31.73 -6.09 11.61
CA SER A 489 33.07 -5.56 11.35
C SER A 489 33.55 -5.98 9.96
N ASP A 490 33.90 -7.26 9.78
CA ASP A 490 34.34 -7.74 8.48
C ASP A 490 33.14 -8.00 7.58
N LEU A 491 33.08 -7.31 6.44
CA LEU A 491 31.94 -7.46 5.54
C LEU A 491 31.88 -8.86 4.94
N SER A 492 33.02 -9.38 4.47
CA SER A 492 33.02 -10.68 3.82
C SER A 492 32.53 -11.78 4.76
N VAL A 493 33.14 -11.85 5.95
CA VAL A 493 32.79 -12.92 6.89
C VAL A 493 31.35 -12.81 7.33
N SER A 494 30.90 -11.58 7.65
CA SER A 494 29.54 -11.38 8.12
C SER A 494 28.52 -11.75 7.05
N VAL A 495 28.74 -11.26 5.82
CA VAL A 495 27.80 -11.52 4.74
C VAL A 495 27.75 -13.02 4.43
N GLN A 496 28.91 -13.67 4.35
CA GLN A 496 28.94 -15.10 4.06
C GLN A 496 28.22 -15.89 5.13
N CYS A 497 28.50 -15.60 6.41
CA CYS A 497 27.84 -16.30 7.49
C CYS A 497 26.34 -16.10 7.45
N ALA A 498 25.89 -14.85 7.29
CA ALA A 498 24.46 -14.55 7.30
C ALA A 498 23.75 -15.27 6.16
N LEU A 499 24.26 -15.12 4.93
CA LEU A 499 23.59 -15.72 3.78
C LEU A 499 23.58 -17.24 3.88
N GLN A 500 24.73 -17.85 4.16
CA GLN A 500 24.81 -19.30 4.17
C GLN A 500 23.97 -19.90 5.31
N HIS A 501 23.88 -19.22 6.45
CA HIS A 501 23.06 -19.74 7.52
C HIS A 501 21.57 -19.54 7.23
N ALA A 502 21.22 -18.44 6.56
CA ALA A 502 19.83 -18.22 6.19
C ALA A 502 19.36 -19.27 5.19
N LEU A 503 20.23 -19.65 4.24
CA LEU A 503 19.84 -20.64 3.25
C LEU A 503 19.50 -21.99 3.87
N THR A 504 20.11 -22.31 5.00
CA THR A 504 19.86 -23.57 5.69
C THR A 504 18.88 -23.42 6.86
N GLU A 505 18.16 -22.29 6.92
CA GLU A 505 17.17 -22.10 7.98
C GLU A 505 16.00 -23.08 7.93
N PRO A 506 15.40 -23.42 6.77
CA PRO A 506 15.72 -23.04 5.39
C PRO A 506 15.12 -21.72 4.93
N ALA A 507 15.71 -21.15 3.88
CA ALA A 507 15.13 -20.04 3.14
C ALA A 507 15.10 -20.42 1.68
N GLU A 508 13.88 -20.54 1.13
CA GLU A 508 13.75 -20.90 -0.28
C GLU A 508 14.50 -19.93 -1.18
N ARG A 509 14.45 -18.63 -0.85
CA ARG A 509 15.06 -17.59 -1.67
C ARG A 509 15.45 -16.42 -0.77
N VAL A 510 16.47 -15.67 -1.19
CA VAL A 510 16.99 -14.55 -0.41
C VAL A 510 17.20 -13.36 -1.33
N LEU A 511 16.56 -12.24 -0.99
CA LEU A 511 16.83 -10.96 -1.62
C LEU A 511 17.95 -10.27 -0.85
N VAL A 512 18.88 -9.67 -1.58
CA VAL A 512 20.09 -9.08 -1.00
C VAL A 512 20.19 -7.65 -1.51
N VAL A 513 19.87 -6.68 -0.67
CA VAL A 513 19.94 -5.27 -1.04
C VAL A 513 21.23 -4.70 -0.44
N TYR A 514 22.19 -4.42 -1.30
CA TYR A 514 23.50 -3.92 -0.89
C TYR A 514 23.70 -2.49 -1.38
N VAL A 515 24.24 -1.65 -0.50
CA VAL A 515 24.58 -0.27 -0.83
C VAL A 515 26.08 -0.13 -0.61
N GLY A 516 26.82 -0.01 -1.71
CA GLY A 516 28.26 0.14 -1.62
C GLY A 516 28.91 -0.35 -2.90
N ASP A 517 30.23 -0.21 -2.94
CA ASP A 517 31.04 -0.61 -4.08
C ASP A 517 31.69 -1.96 -3.82
N GLY A 518 32.52 -2.39 -4.76
CA GLY A 518 33.21 -3.66 -4.64
C GLY A 518 32.31 -4.86 -4.82
N GLU A 519 32.90 -6.04 -4.98
CA GLU A 519 32.14 -7.27 -5.17
C GLU A 519 32.03 -7.99 -3.83
N LEU A 520 30.77 -8.24 -3.40
CA LEU A 520 30.50 -8.95 -2.15
C LEU A 520 30.37 -10.45 -2.42
N PRO A 521 30.77 -11.29 -1.46
CA PRO A 521 30.75 -12.75 -1.70
C PRO A 521 29.36 -13.35 -1.72
N VAL A 522 28.65 -13.20 -2.84
CA VAL A 522 27.32 -13.77 -3.01
C VAL A 522 27.18 -14.22 -4.45
N LYS A 523 26.65 -15.43 -4.65
CA LYS A 523 26.56 -16.05 -5.96
C LYS A 523 25.15 -15.85 -6.53
N THR A 524 25.07 -15.25 -7.72
CA THR A 524 23.81 -15.07 -8.42
C THR A 524 23.66 -16.06 -9.58
N ASN A 525 24.36 -17.18 -9.53
CA ASN A 525 24.28 -18.19 -10.58
C ASN A 525 23.06 -19.07 -10.42
N ASP A 526 22.91 -19.71 -9.27
CA ASP A 526 21.73 -20.51 -8.99
C ASP A 526 20.52 -19.62 -8.76
N GLY A 527 19.33 -20.22 -8.81
CA GLY A 527 18.10 -19.46 -8.67
C GLY A 527 17.61 -19.31 -7.25
N LYS A 528 18.51 -19.00 -6.32
CA LYS A 528 18.16 -18.90 -4.91
C LYS A 528 18.49 -17.56 -4.26
N VAL A 529 19.29 -16.72 -4.91
CA VAL A 529 19.65 -15.42 -4.37
C VAL A 529 19.53 -14.38 -5.47
N PHE A 530 18.82 -13.28 -5.18
CA PHE A 530 18.82 -12.12 -6.06
C PHE A 530 19.53 -10.97 -5.35
N LEU A 531 20.29 -10.19 -6.11
CA LEU A 531 21.05 -9.07 -5.58
C LEU A 531 20.60 -7.78 -6.23
N VAL A 532 20.34 -6.77 -5.41
CA VAL A 532 20.11 -5.40 -5.85
C VAL A 532 21.22 -4.56 -5.23
N GLN A 533 22.17 -4.13 -6.05
CA GLN A 533 23.28 -3.31 -5.58
C GLN A 533 23.11 -1.89 -6.06
N ILE A 534 23.34 -0.94 -5.15
CA ILE A 534 23.26 0.49 -5.44
C ILE A 534 24.66 1.04 -5.18
N CYS A 535 25.44 1.20 -6.24
CA CYS A 535 26.84 1.59 -6.15
C CYS A 535 27.08 2.91 -6.87
N THR A 536 28.34 3.31 -6.94
CA THR A 536 28.75 4.54 -7.61
C THR A 536 29.46 4.28 -8.92
N LYS A 537 30.30 3.26 -8.99
CA LYS A 537 30.91 2.87 -10.26
C LYS A 537 29.87 2.28 -11.20
N GLU A 538 30.04 2.56 -12.50
CA GLU A 538 29.03 2.14 -13.48
C GLU A 538 28.93 0.62 -13.56
N THR A 539 30.03 -0.10 -13.31
CA THR A 539 30.07 -1.56 -13.37
C THR A 539 29.57 -2.05 -14.72
N GLU A 540 28.51 -2.86 -14.72
CA GLU A 540 27.96 -3.41 -15.97
C GLU A 540 26.58 -3.98 -15.65
N ASP A 541 25.95 -4.56 -16.67
CA ASP A 541 24.62 -5.14 -16.56
C ASP A 541 24.60 -6.56 -17.11
N LYS A 542 25.55 -7.38 -16.68
CA LYS A 542 25.57 -8.78 -17.05
C LYS A 542 24.66 -9.58 -16.11
N CYS A 543 24.41 -10.83 -16.50
CA CYS A 543 23.57 -11.75 -15.74
C CYS A 543 22.13 -11.24 -15.69
N VAL A 544 21.26 -11.96 -14.98
CA VAL A 544 19.85 -11.59 -14.91
C VAL A 544 19.32 -11.73 -13.49
N ASN A 545 20.18 -12.21 -12.58
CA ASN A 545 19.82 -12.28 -11.16
C ASN A 545 20.48 -11.16 -10.36
N ARG A 546 20.81 -10.05 -11.01
CA ARG A 546 21.41 -8.90 -10.36
C ARG A 546 20.84 -7.63 -10.96
N LEU A 547 20.67 -6.61 -10.11
CA LEU A 547 20.17 -5.30 -10.51
C LEU A 547 21.17 -4.28 -9.97
N THR A 548 22.05 -3.79 -10.84
CA THR A 548 23.09 -2.84 -10.46
C THR A 548 22.65 -1.44 -10.85
N LEU A 549 22.73 -0.50 -9.90
CA LEU A 549 22.26 0.86 -10.12
C LEU A 549 23.38 1.84 -9.80
N CYS A 550 23.72 2.70 -10.76
CA CYS A 550 24.77 3.69 -10.58
C CYS A 550 24.27 5.09 -10.92
N GLU A 555 22.39 16.93 -4.77
CA GLU A 555 22.12 15.98 -5.83
C GLU A 555 20.64 15.62 -5.90
N SER A 556 20.15 15.39 -7.12
CA SER A 556 18.81 14.88 -7.34
C SER A 556 18.74 13.36 -7.19
N LEU A 557 19.74 12.77 -6.53
CA LEU A 557 19.79 11.31 -6.39
C LEU A 557 18.61 10.76 -5.60
N THR A 558 17.94 11.58 -4.80
CA THR A 558 16.83 11.08 -4.00
C THR A 558 15.64 10.70 -4.90
N ALA A 559 15.29 11.58 -5.84
CA ALA A 559 14.18 11.28 -6.75
C ALA A 559 14.52 10.10 -7.66
N GLY A 560 15.77 10.04 -8.14
CA GLY A 560 16.19 8.91 -8.94
C GLY A 560 16.11 7.60 -8.18
N PHE A 561 16.59 7.59 -6.94
CA PHE A 561 16.54 6.35 -6.16
C PHE A 561 15.11 5.94 -5.87
N MET A 562 14.23 6.89 -5.55
CA MET A 562 12.85 6.53 -5.29
C MET A 562 12.17 5.98 -6.55
N GLN A 563 12.45 6.60 -7.71
CA GLN A 563 11.91 6.08 -8.96
C GLN A 563 12.43 4.68 -9.25
N ALA A 564 13.72 4.44 -8.98
CA ALA A 564 14.29 3.11 -9.22
C ALA A 564 13.70 2.08 -8.27
N LEU A 565 13.45 2.47 -7.03
CA LEU A 565 12.84 1.58 -6.05
C LEU A 565 11.42 1.21 -6.45
N LEU A 566 10.64 2.19 -6.91
CA LEU A 566 9.25 1.92 -7.24
C LEU A 566 9.11 1.19 -8.58
N GLY A 567 9.91 1.54 -9.57
CA GLY A 567 9.74 1.00 -10.91
C GLY A 567 10.57 -0.22 -11.24
N LEU A 568 11.67 -0.44 -10.52
CA LEU A 568 12.57 -1.54 -10.80
C LEU A 568 12.76 -2.47 -9.63
N ILE A 569 13.06 -1.94 -8.44
CA ILE A 569 13.40 -2.79 -7.30
C ILE A 569 12.17 -3.55 -6.80
N LEU A 570 11.10 -2.82 -6.48
CA LEU A 570 9.92 -3.46 -5.91
C LEU A 570 9.23 -4.45 -6.86
N PRO A 571 9.11 -4.20 -8.18
CA PRO A 571 8.48 -5.23 -9.03
C PRO A 571 9.28 -6.53 -9.09
N VAL A 572 10.60 -6.43 -9.24
CA VAL A 572 11.43 -7.63 -9.28
C VAL A 572 11.41 -8.34 -7.93
N ALA A 573 11.38 -7.57 -6.83
CA ALA A 573 11.33 -8.18 -5.51
C ALA A 573 10.02 -8.91 -5.28
N TYR A 574 8.90 -8.31 -5.70
CA TYR A 574 7.60 -8.95 -5.50
C TYR A 574 7.46 -10.20 -6.36
N GLU A 575 7.96 -10.15 -7.60
CA GLU A 575 7.93 -11.37 -8.41
C GLU A 575 8.88 -12.44 -7.88
N PHE A 576 9.98 -12.01 -7.26
CA PHE A 576 10.96 -12.97 -6.71
C PHE A 576 10.41 -13.67 -5.48
N ASN A 577 9.58 -12.98 -4.68
CA ASN A 577 8.95 -13.53 -3.47
C ASN A 577 9.99 -14.12 -2.53
N PRO A 578 10.88 -13.31 -1.96
CA PRO A 578 11.96 -13.87 -1.12
C PRO A 578 11.43 -14.38 0.20
N ALA A 579 12.20 -15.30 0.80
CA ALA A 579 11.91 -15.74 2.16
C ALA A 579 12.64 -14.91 3.20
N LEU A 580 13.63 -14.11 2.77
CA LEU A 580 14.38 -13.24 3.66
C LEU A 580 15.02 -12.13 2.84
N VAL A 581 14.90 -10.91 3.34
CA VAL A 581 15.60 -9.76 2.79
C VAL A 581 16.81 -9.48 3.67
N LEU A 582 17.96 -9.27 3.04
CA LEU A 582 19.22 -9.06 3.73
C LEU A 582 19.81 -7.74 3.26
N GLY A 583 19.86 -6.75 4.15
CA GLY A 583 20.36 -5.43 3.83
C GLY A 583 21.81 -5.28 4.25
N ILE A 584 22.61 -4.70 3.36
CA ILE A 584 24.03 -4.43 3.61
C ILE A 584 24.31 -2.98 3.27
N VAL A 585 25.05 -2.30 4.14
CA VAL A 585 25.47 -0.92 3.91
C VAL A 585 26.90 -0.78 4.40
N GLU A 586 27.84 -0.57 3.46
CA GLU A 586 29.23 -0.38 3.82
C GLU A 586 29.45 1.04 4.37
N GLU A 587 30.68 1.33 4.77
CA GLU A 587 31.01 2.65 5.30
C GLU A 587 31.51 3.58 4.18
N MET A 595 21.11 6.24 2.30
CA MET A 595 21.42 7.52 2.91
C MET A 595 20.19 8.08 3.62
N ARG A 596 19.55 9.07 3.02
CA ARG A 596 18.35 9.68 3.59
C ARG A 596 17.07 9.20 2.91
N VAL A 597 17.17 8.18 2.06
CA VAL A 597 16.02 7.48 1.52
C VAL A 597 15.94 6.05 2.02
N TRP A 598 16.83 5.68 2.96
CA TRP A 598 16.86 4.33 3.49
C TRP A 598 15.61 4.00 4.30
N GLY A 599 14.93 5.01 4.83
CA GLY A 599 13.71 4.75 5.59
C GLY A 599 12.59 4.20 4.73
N HIS A 600 12.30 4.90 3.62
CA HIS A 600 11.28 4.42 2.70
C HIS A 600 11.67 3.07 2.10
N MET A 601 12.96 2.89 1.81
CA MET A 601 13.45 1.61 1.32
C MET A 601 13.14 0.49 2.30
N THR A 602 13.52 0.67 3.56
CA THR A 602 13.33 -0.38 4.56
C THR A 602 11.85 -0.59 4.87
N CYS A 603 11.04 0.46 4.80
CA CYS A 603 9.60 0.30 5.04
C CYS A 603 8.94 -0.48 3.92
N LEU A 604 9.21 -0.10 2.66
CA LEU A 604 8.55 -0.73 1.52
C LEU A 604 9.06 -2.13 1.25
N ILE A 605 10.32 -2.43 1.60
CA ILE A 605 10.87 -3.77 1.36
C ILE A 605 10.35 -4.81 2.33
N GLN A 606 9.65 -4.39 3.40
CA GLN A 606 9.10 -5.34 4.36
C GLN A 606 7.82 -6.01 3.86
N GLY A 607 7.26 -5.55 2.75
CA GLY A 607 6.19 -6.30 2.11
C GLY A 607 6.63 -7.66 1.62
N LEU A 608 7.93 -7.87 1.47
CA LEU A 608 8.48 -9.15 1.09
C LEU A 608 8.85 -9.97 2.32
N ALA A 609 8.93 -11.29 2.13
CA ALA A 609 9.46 -12.22 3.13
C ALA A 609 8.65 -12.21 4.43
N ARG A 610 7.36 -11.87 4.34
CA ARG A 610 6.49 -11.79 5.51
C ARG A 610 7.04 -10.84 6.57
N GLY A 611 7.81 -9.83 6.14
CA GLY A 611 8.42 -8.89 7.06
C GLY A 611 9.81 -9.25 7.54
N ARG A 612 10.27 -10.49 7.31
CA ARG A 612 11.56 -10.94 7.82
C ARG A 612 12.69 -10.23 7.07
N MET A 613 13.39 -9.33 7.75
CA MET A 613 14.52 -8.61 7.16
C MET A 613 15.64 -8.48 8.18
N LEU A 614 16.82 -8.98 7.83
CA LEU A 614 18.03 -8.80 8.63
C LEU A 614 18.92 -7.78 7.95
N THR A 615 19.31 -6.76 8.70
CA THR A 615 20.17 -5.69 8.19
C THR A 615 21.54 -5.78 8.85
N LEU A 616 22.58 -5.65 8.05
CA LEU A 616 23.96 -5.59 8.54
C LEU A 616 24.55 -4.24 8.18
N LEU A 617 25.05 -3.53 9.18
CA LEU A 617 25.56 -2.17 9.00
C LEU A 617 27.05 -2.12 9.35
N GLN A 618 27.87 -1.69 8.39
CA GLN A 618 29.31 -1.51 8.60
C GLN A 618 29.58 -0.04 8.86
N GLY A 619 29.51 0.35 10.13
CA GLY A 619 29.68 1.75 10.51
C GLY A 619 28.76 2.13 11.65
N TYR A 620 29.35 2.56 12.76
CA TYR A 620 28.58 2.91 13.96
C TYR A 620 28.05 4.34 13.88
N ASP A 621 27.20 4.57 12.89
CA ASP A 621 26.53 5.86 12.73
C ASP A 621 25.19 5.79 13.46
N LYS A 622 25.08 6.52 14.57
CA LYS A 622 23.86 6.45 15.38
C LYS A 622 22.63 6.90 14.60
N ASP A 623 22.79 7.85 13.68
CA ASP A 623 21.66 8.31 12.88
C ASP A 623 21.09 7.18 12.03
N LEU A 624 21.96 6.53 11.24
CA LEU A 624 21.51 5.46 10.37
C LEU A 624 21.00 4.27 11.18
N LEU A 625 21.63 3.98 12.32
CA LEU A 625 21.17 2.88 13.15
C LEU A 625 19.77 3.14 13.71
N GLU A 626 19.54 4.35 14.24
CA GLU A 626 18.22 4.70 14.75
C GLU A 626 17.18 4.68 13.64
N LEU A 627 17.55 5.15 12.44
CA LEU A 627 16.63 5.15 11.31
C LEU A 627 16.25 3.74 10.90
N THR A 628 17.24 2.84 10.82
CA THR A 628 16.97 1.46 10.47
C THR A 628 16.10 0.78 11.53
N VAL A 629 16.40 1.01 12.80
CA VAL A 629 15.62 0.37 13.86
C VAL A 629 14.18 0.86 13.84
N SER A 630 13.97 2.18 13.70
CA SER A 630 12.61 2.70 13.66
C SER A 630 11.87 2.22 12.41
N ALA A 631 12.57 2.06 11.29
CA ALA A 631 11.92 1.57 10.08
C ALA A 631 11.52 0.11 10.22
N LEU A 632 12.35 -0.69 10.92
CA LEU A 632 12.01 -2.09 11.13
C LEU A 632 10.89 -2.25 12.15
N SER A 633 10.90 -1.43 13.21
CA SER A 633 9.91 -1.56 14.26
C SER A 633 8.53 -1.07 13.82
N GLY A 634 8.42 -0.40 12.68
CA GLY A 634 7.15 0.02 12.15
C GLY A 634 6.73 1.45 12.43
N ALA A 635 7.66 2.33 12.77
CA ALA A 635 7.32 3.71 13.05
C ALA A 635 7.02 4.47 11.76
N SER A 636 6.35 5.61 11.91
CA SER A 636 6.02 6.44 10.77
C SER A 636 7.28 6.99 10.11
N ILE A 637 7.19 7.22 8.81
CA ILE A 637 8.31 7.71 8.00
C ILE A 637 8.04 9.14 7.60
N SER A 638 8.97 10.03 7.90
CA SER A 638 8.83 11.42 7.49
C SER A 638 8.92 11.53 5.98
N PRO A 639 7.97 12.18 5.32
CA PRO A 639 7.99 12.23 3.85
C PRO A 639 9.18 13.02 3.33
N LEU A 640 9.33 12.99 2.01
CA LEU A 640 10.46 13.65 1.34
C LEU A 640 10.07 15.00 0.75
N GLY A 641 8.97 15.06 0.01
CA GLY A 641 8.48 16.32 -0.53
C GLY A 641 9.40 17.00 -1.53
N ALA A 645 12.42 15.09 -9.85
CA ALA A 645 13.22 15.56 -10.98
C ALA A 645 14.54 14.80 -11.08
N PRO A 646 14.48 13.57 -11.58
CA PRO A 646 15.70 12.76 -11.70
C PRO A 646 16.52 13.14 -12.93
N LYS A 647 17.81 12.84 -12.85
CA LYS A 647 18.72 13.17 -13.94
C LYS A 647 18.42 12.30 -15.16
N PRO A 648 18.45 12.87 -16.37
CA PRO A 648 18.11 12.08 -17.56
C PRO A 648 19.05 10.91 -17.82
N GLU A 649 20.33 11.01 -17.44
CA GLU A 649 21.23 9.88 -17.57
C GLU A 649 20.78 8.72 -16.68
N ASP A 650 20.32 9.03 -15.47
CA ASP A 650 19.79 7.99 -14.59
C ASP A 650 18.50 7.40 -15.14
N VAL A 651 17.66 8.22 -15.78
CA VAL A 651 16.44 7.69 -16.39
C VAL A 651 16.79 6.73 -17.52
N GLU A 652 17.78 7.09 -18.34
CA GLU A 652 18.22 6.20 -19.41
C GLU A 652 18.79 4.90 -18.84
N MET A 653 19.53 5.00 -17.74
CA MET A 653 20.08 3.79 -17.13
C MET A 653 18.98 2.90 -16.56
N MET A 654 17.96 3.50 -15.95
CA MET A 654 16.83 2.73 -15.43
C MET A 654 16.08 2.04 -16.57
N GLU A 655 15.86 2.74 -17.68
CA GLU A 655 15.16 2.11 -18.79
C GLU A 655 16.02 1.04 -19.47
N LYS A 656 17.34 1.21 -19.48
CA LYS A 656 18.20 0.15 -19.98
C LYS A 656 18.10 -1.09 -19.10
N GLN A 657 18.09 -0.90 -17.77
CA GLN A 657 17.90 -2.03 -16.86
C GLN A 657 16.53 -2.69 -17.07
N ARG A 658 15.50 -1.88 -17.28
CA ARG A 658 14.15 -2.42 -17.53
C ARG A 658 14.13 -3.26 -18.81
N GLN A 659 14.69 -2.73 -19.90
CA GLN A 659 14.75 -3.48 -21.15
C GLN A 659 15.62 -4.72 -21.02
N ARG A 660 16.61 -4.70 -20.12
CA ARG A 660 17.51 -5.83 -19.96
C ARG A 660 16.91 -6.92 -19.08
N LEU A 661 15.98 -6.58 -18.18
CA LEU A 661 15.45 -7.53 -17.22
C LEU A 661 14.00 -7.96 -17.45
N GLN A 662 13.20 -7.18 -18.20
CA GLN A 662 11.77 -7.42 -18.21
C GLN A 662 11.36 -8.73 -18.90
N GLU A 663 12.22 -9.29 -19.77
CA GLU A 663 11.87 -10.57 -20.40
C GLU A 663 11.84 -11.69 -19.37
N ARG A 664 12.62 -11.56 -18.29
CA ARG A 664 12.61 -12.53 -17.20
C ARG A 664 11.68 -12.14 -16.06
N TRP A 665 11.55 -10.84 -15.78
CA TRP A 665 10.74 -10.33 -14.66
C TRP A 665 9.61 -9.48 -15.22
N GLY A 666 8.47 -10.12 -15.49
CA GLY A 666 7.37 -9.49 -16.19
C GLY A 666 6.73 -8.33 -15.47
N LEU A 667 6.96 -8.20 -14.16
CA LEU A 667 6.38 -7.07 -13.43
C LEU A 667 7.02 -5.74 -13.81
N LEU A 668 8.16 -5.77 -14.50
CA LEU A 668 8.78 -4.54 -14.98
C LEU A 668 8.03 -3.93 -16.15
N ARG A 669 7.28 -4.74 -16.89
CA ARG A 669 6.65 -4.30 -18.12
C ARG A 669 5.54 -3.29 -17.82
N CYS A 670 5.66 -2.09 -18.41
CA CYS A 670 4.60 -1.09 -18.39
C CYS A 670 4.22 -0.66 -19.80
N THR A 671 4.55 -1.47 -20.80
CA THR A 671 4.05 -1.35 -22.16
C THR A 671 3.75 -2.74 -22.70
N VAL A 672 2.88 -2.79 -23.71
CA VAL A 672 2.54 -4.07 -24.34
C VAL A 672 3.72 -4.53 -25.19
N SER A 673 4.10 -5.80 -25.03
CA SER A 673 5.24 -6.33 -25.76
C SER A 673 4.88 -6.55 -27.23
N GLU A 674 5.84 -6.27 -28.11
CA GLU A 674 5.67 -6.48 -29.54
C GLU A 674 6.36 -7.79 -29.93
N SER A 675 5.65 -8.61 -30.70
CA SER A 675 6.16 -9.91 -31.07
C SER A 675 7.22 -9.79 -32.16
N TRP A 676 7.86 -10.91 -32.46
CA TRP A 676 8.82 -10.99 -33.56
C TRP A 676 8.08 -10.83 -34.87
#